data_5CLA
#
_entry.id   5CLA
#
_cell.length_a   38.427
_cell.length_b   93.082
_cell.length_c   48.045
_cell.angle_alpha   90.000
_cell.angle_beta   112.610
_cell.angle_gamma   90.000
#
_symmetry.space_group_name_H-M   'P 1 21 1'
#
loop_
_entity.id
_entity.type
_entity.pdbx_description
1 polymer AlkD
2 polymer "DNA (5'-D(*CP*CP*CP*GP*AP*(ORP)P*AP*GP*TP*CP*CP*G)-3')"
3 polymer "DNA (5'-D(*CP*GP*GP*AP*CP*TP*TP*TP*CP*GP*GP*G)-3')"
4 non-polymer 7-methyl-3H-imidazo[4,5-c]pyridin-4-amine
5 water water
#
loop_
_entity_poly.entity_id
_entity_poly.type
_entity_poly.pdbx_seq_one_letter_code
_entity_poly.pdbx_strand_id
1 'polypeptide(L)'
;GPVPMHPFVKALQEHFTAHQNPEKAEPMARYMKNHFLFLGIQTPERRQLLKDIIQIHTLPDQKDFQIIIRELWDLPEREF
QAAALDIMQKYKKHINETHIPFLEELIVTKSWWDSVDSIVPTFLGDIFLKHPELISAYIPKWIASDNIWLQRAAILFQLK
YKQKMDEELLFWIIGQLHSSKEFFIQKAIGWVLREYAKTNPDVVWEYVQNNELAPLSKREAIKHIKQNYGINNEKIGETL
S
;
A
2 'polydeoxyribonucleotide' (DC)(DC)(DC)(DG)(DA)(ORP)(DA)(DG)(DT)(DC)(DC)(DG) B
3 'polydeoxyribonucleotide' (DC)(DG)(DG)(DA)(DC)(DT)(DT)(DT)(DC)(DG)(DG)(DG) C
#
loop_
_chem_comp.id
_chem_comp.type
_chem_comp.name
_chem_comp.formula
54K non-polymer 7-methyl-3H-imidazo[4,5-c]pyridin-4-amine 'C7 H8 N4'
DA DNA linking 2'-DEOXYADENOSINE-5'-MONOPHOSPHATE 'C10 H14 N5 O6 P'
DC DNA linking 2'-DEOXYCYTIDINE-5'-MONOPHOSPHATE 'C9 H14 N3 O7 P'
DG DNA linking 2'-DEOXYGUANOSINE-5'-MONOPHOSPHATE 'C10 H14 N5 O7 P'
DT DNA linking THYMIDINE-5'-MONOPHOSPHATE 'C10 H15 N2 O8 P'
ORP saccharide 2-DEOXY-5-PHOSPHONO-RIBOSE 'C5 H11 O7 P'
#
# COMPACT_ATOMS: atom_id res chain seq x y z
N VAL A 3 30.92 2.43 6.26
CA VAL A 3 30.13 1.49 7.04
C VAL A 3 29.49 0.44 6.14
N PRO A 4 29.81 -0.84 6.39
CA PRO A 4 29.28 -1.90 5.52
C PRO A 4 27.77 -2.08 5.67
N MET A 5 27.17 -2.58 4.59
CA MET A 5 25.78 -3.00 4.60
C MET A 5 25.52 -3.92 5.79
N HIS A 6 24.34 -3.81 6.41
CA HIS A 6 24.00 -4.71 7.51
C HIS A 6 24.13 -6.16 7.07
N PRO A 7 24.81 -7.01 7.88
CA PRO A 7 25.06 -8.38 7.44
C PRO A 7 23.81 -9.17 7.07
N PHE A 8 22.67 -8.85 7.70
CA PHE A 8 21.44 -9.54 7.36
C PHE A 8 21.01 -9.19 5.94
N VAL A 9 21.09 -7.90 5.62
CA VAL A 9 20.78 -7.44 4.27
C VAL A 9 21.76 -8.00 3.23
N LYS A 10 23.05 -7.99 3.55
CA LYS A 10 24.05 -8.59 2.65
C LYS A 10 23.73 -10.06 2.38
N ALA A 11 23.38 -10.79 3.43
CA ALA A 11 23.05 -12.21 3.28
C ALA A 11 21.81 -12.41 2.43
N LEU A 12 20.81 -11.56 2.61
CA LEU A 12 19.59 -11.67 1.85
C LEU A 12 19.87 -11.37 0.38
N GLN A 13 20.69 -10.36 0.14
CA GLN A 13 21.05 -9.98 -1.22
C GLN A 13 21.79 -11.13 -1.93
N GLU A 14 22.72 -11.76 -1.24
CA GLU A 14 23.47 -12.87 -1.83
CA GLU A 14 23.48 -12.88 -1.82
C GLU A 14 22.56 -14.04 -2.17
N HIS A 15 21.67 -14.37 -1.24
CA HIS A 15 20.81 -15.55 -1.38
C HIS A 15 19.75 -15.34 -2.45
N PHE A 16 19.13 -14.16 -2.49
CA PHE A 16 18.20 -13.84 -3.57
C PHE A 16 18.91 -13.89 -4.92
N THR A 17 20.07 -13.26 -5.01
CA THR A 17 20.76 -13.16 -6.29
C THR A 17 21.15 -14.55 -6.82
N ALA A 18 21.47 -15.48 -5.92
CA ALA A 18 21.86 -16.83 -6.32
C ALA A 18 20.69 -17.61 -6.92
N HIS A 19 19.48 -17.11 -6.73
CA HIS A 19 18.27 -17.76 -7.23
C HIS A 19 17.51 -16.90 -8.22
N GLN A 20 18.21 -15.96 -8.84
CA GLN A 20 17.56 -15.07 -9.79
C GLN A 20 17.15 -15.82 -11.04
N ASN A 21 16.12 -15.31 -11.70
CA ASN A 21 15.58 -15.92 -12.91
C ASN A 21 15.36 -14.84 -13.94
N PRO A 22 16.36 -14.60 -14.80
CA PRO A 22 16.25 -13.48 -15.75
C PRO A 22 15.10 -13.64 -16.73
N GLU A 23 14.72 -14.88 -17.02
CA GLU A 23 13.61 -15.15 -17.92
C GLU A 23 12.29 -14.67 -17.33
N LYS A 24 12.07 -14.95 -16.05
CA LYS A 24 10.88 -14.47 -15.36
C LYS A 24 10.95 -12.98 -15.07
N ALA A 25 12.17 -12.47 -14.90
CA ALA A 25 12.33 -11.07 -14.54
C ALA A 25 11.77 -10.14 -15.62
N GLU A 26 11.87 -10.52 -16.89
CA GLU A 26 11.41 -9.64 -17.95
C GLU A 26 9.89 -9.39 -17.89
N PRO A 27 9.05 -10.45 -17.85
CA PRO A 27 7.63 -10.14 -17.69
C PRO A 27 7.27 -9.53 -16.34
N MET A 28 7.98 -9.89 -15.28
CA MET A 28 7.70 -9.29 -13.98
C MET A 28 7.96 -7.79 -14.03
N ALA A 29 9.03 -7.38 -14.70
CA ALA A 29 9.33 -5.94 -14.79
C ALA A 29 8.32 -5.21 -15.67
N ARG A 30 7.89 -5.86 -16.75
CA ARG A 30 6.88 -5.30 -17.65
C ARG A 30 5.56 -5.06 -16.93
N TYR A 31 5.23 -5.94 -16.01
CA TYR A 31 3.98 -5.85 -15.26
C TYR A 31 3.94 -4.57 -14.44
N MET A 32 5.11 -4.13 -13.96
CA MET A 32 5.24 -2.87 -13.24
C MET A 32 5.69 -1.73 -14.15
N LYS A 33 5.39 -1.88 -15.43
CA LYS A 33 5.62 -0.83 -16.42
C LYS A 33 7.08 -0.39 -16.45
N ASN A 34 7.96 -1.38 -16.20
CA ASN A 34 9.41 -1.20 -16.23
C ASN A 34 9.93 -0.05 -15.37
N HIS A 35 9.23 0.24 -14.27
CA HIS A 35 9.77 1.20 -13.32
C HIS A 35 10.88 0.64 -12.45
N PHE A 36 10.99 -0.69 -12.40
CA PHE A 36 11.98 -1.36 -11.57
C PHE A 36 12.69 -2.51 -12.26
N LEU A 37 13.95 -2.70 -11.89
CA LEU A 37 14.59 -3.97 -12.15
C LEU A 37 14.00 -5.07 -11.26
N PHE A 38 13.96 -6.29 -11.79
CA PHE A 38 13.57 -7.47 -11.01
C PHE A 38 14.65 -8.54 -11.10
N LEU A 39 14.80 -9.31 -10.03
CA LEU A 39 15.62 -10.54 -10.09
C LEU A 39 14.88 -11.67 -10.77
N GLY A 40 13.55 -11.66 -10.67
CA GLY A 40 12.72 -12.71 -11.25
C GLY A 40 12.24 -13.78 -10.28
N ILE A 41 12.09 -13.39 -9.02
CA ILE A 41 11.71 -14.34 -7.96
C ILE A 41 10.31 -14.03 -7.49
N GLN A 42 9.40 -14.98 -7.66
CA GLN A 42 8.02 -14.77 -7.27
C GLN A 42 7.82 -15.03 -5.79
N THR A 43 6.64 -14.67 -5.28
CA THR A 43 6.45 -14.57 -3.84
C THR A 43 6.69 -15.87 -3.05
N PRO A 44 6.20 -17.03 -3.52
CA PRO A 44 6.46 -18.22 -2.70
C PRO A 44 7.94 -18.48 -2.47
N GLU A 45 8.75 -18.43 -3.51
CA GLU A 45 10.17 -18.65 -3.32
C GLU A 45 10.81 -17.51 -2.54
N ARG A 46 10.39 -16.27 -2.82
CA ARG A 46 10.98 -15.12 -2.15
C ARG A 46 10.78 -15.21 -0.63
N ARG A 47 9.59 -15.68 -0.23
CA ARG A 47 9.29 -15.88 1.18
C ARG A 47 10.20 -16.94 1.78
N GLN A 48 10.43 -18.03 1.05
CA GLN A 48 11.27 -19.10 1.56
C GLN A 48 12.72 -18.64 1.68
N LEU A 49 13.21 -17.89 0.70
CA LEU A 49 14.59 -17.43 0.74
C LEU A 49 14.80 -16.49 1.93
N LEU A 50 13.80 -15.65 2.22
CA LEU A 50 13.86 -14.81 3.42
C LEU A 50 13.88 -15.68 4.69
N LYS A 51 13.02 -16.69 4.72
CA LYS A 51 12.94 -17.58 5.87
C LYS A 51 14.28 -18.28 6.08
N ASP A 52 14.93 -18.66 4.99
CA ASP A 52 16.26 -19.28 5.07
C ASP A 52 17.24 -18.41 5.85
N ILE A 53 17.25 -17.12 5.51
CA ILE A 53 18.20 -16.20 6.09
C ILE A 53 17.86 -15.90 7.55
N ILE A 54 16.57 -15.81 7.86
CA ILE A 54 16.16 -15.66 9.26
C ILE A 54 16.57 -16.89 10.09
N GLN A 55 16.43 -18.09 9.52
CA GLN A 55 16.82 -19.30 10.22
C GLN A 55 18.32 -19.34 10.51
N ILE A 56 19.13 -18.90 9.56
CA ILE A 56 20.58 -18.94 9.72
C ILE A 56 21.09 -17.80 10.62
N HIS A 57 20.56 -16.60 10.42
CA HIS A 57 21.15 -15.41 11.04
C HIS A 57 20.36 -14.86 12.22
N THR A 58 19.10 -15.26 12.31
CA THR A 58 18.07 -14.72 13.21
C THR A 58 17.64 -13.33 12.74
N LEU A 59 16.41 -12.97 13.10
CA LEU A 59 15.91 -11.64 12.78
C LEU A 59 16.72 -10.62 13.57
N PRO A 60 17.20 -9.57 12.90
CA PRO A 60 18.00 -8.56 13.60
C PRO A 60 17.28 -7.92 14.79
N ASP A 61 18.07 -7.44 15.74
CA ASP A 61 17.54 -6.73 16.89
C ASP A 61 16.65 -5.59 16.42
N GLN A 62 15.58 -5.31 17.14
CA GLN A 62 14.64 -4.28 16.72
C GLN A 62 15.30 -2.91 16.55
N LYS A 63 16.43 -2.69 17.21
CA LYS A 63 17.12 -1.41 17.10
C LYS A 63 17.56 -1.15 15.65
N ASP A 64 17.62 -2.21 14.86
CA ASP A 64 18.07 -2.10 13.47
C ASP A 64 16.94 -2.24 12.46
N PHE A 65 15.69 -2.29 12.93
CA PHE A 65 14.55 -2.55 12.06
C PHE A 65 14.48 -1.53 10.92
N GLN A 66 14.43 -0.24 11.28
CA GLN A 66 14.33 0.81 10.26
C GLN A 66 15.54 0.82 9.33
N ILE A 67 16.71 0.53 9.87
CA ILE A 67 17.95 0.48 9.10
C ILE A 67 17.87 -0.60 8.04
N ILE A 68 17.43 -1.80 8.43
CA ILE A 68 17.27 -2.93 7.52
C ILE A 68 16.31 -2.58 6.38
N ILE A 69 15.17 -1.99 6.73
CA ILE A 69 14.15 -1.65 5.74
C ILE A 69 14.70 -0.64 4.74
N ARG A 70 15.34 0.43 5.23
CA ARG A 70 15.92 1.42 4.35
C ARG A 70 16.97 0.84 3.40
N GLU A 71 17.82 -0.03 3.93
CA GLU A 71 18.89 -0.60 3.10
C GLU A 71 18.30 -1.47 2.01
N LEU A 72 17.25 -2.23 2.34
CA LEU A 72 16.57 -3.01 1.31
C LEU A 72 15.83 -2.09 0.33
N TRP A 73 15.25 -1.00 0.83
CA TRP A 73 14.54 -0.08 -0.04
C TRP A 73 15.49 0.52 -1.07
N ASP A 74 16.76 0.68 -0.70
CA ASP A 74 17.73 1.32 -1.57
C ASP A 74 18.33 0.37 -2.61
N LEU A 75 18.09 -0.94 -2.48
CA LEU A 75 18.60 -1.88 -3.47
C LEU A 75 17.75 -1.81 -4.73
N PRO A 76 18.35 -2.07 -5.90
CA PRO A 76 17.66 -1.80 -7.17
C PRO A 76 16.50 -2.74 -7.47
N GLU A 77 16.65 -4.02 -7.16
CA GLU A 77 15.65 -4.96 -7.62
C GLU A 77 14.42 -4.96 -6.72
N ARG A 78 13.25 -5.06 -7.35
CA ARG A 78 11.99 -4.84 -6.62
C ARG A 78 11.75 -5.88 -5.53
N GLU A 79 12.28 -7.09 -5.70
CA GLU A 79 12.10 -8.12 -4.68
C GLU A 79 12.66 -7.69 -3.33
N PHE A 80 13.61 -6.76 -3.31
CA PHE A 80 14.13 -6.33 -2.03
C PHE A 80 13.16 -5.42 -1.30
N GLN A 81 12.34 -4.64 -2.03
CA GLN A 81 11.29 -3.87 -1.35
C GLN A 81 10.17 -4.82 -0.91
N ALA A 82 9.87 -5.85 -1.70
CA ALA A 82 8.85 -6.80 -1.28
C ALA A 82 9.31 -7.53 -0.02
N ALA A 83 10.57 -7.93 0.04
CA ALA A 83 11.10 -8.59 1.23
C ALA A 83 11.13 -7.62 2.42
N ALA A 84 11.43 -6.35 2.15
CA ALA A 84 11.41 -5.35 3.22
C ALA A 84 10.04 -5.28 3.88
N LEU A 85 8.99 -5.35 3.07
CA LEU A 85 7.65 -5.32 3.64
C LEU A 85 7.33 -6.59 4.42
N ASP A 86 7.78 -7.73 3.93
CA ASP A 86 7.67 -8.98 4.69
C ASP A 86 8.37 -8.84 6.05
N ILE A 87 9.54 -8.24 6.04
CA ILE A 87 10.31 -8.07 7.27
C ILE A 87 9.61 -7.07 8.21
N MET A 88 9.04 -6.01 7.65
CA MET A 88 8.35 -5.05 8.51
CA MET A 88 8.28 -5.04 8.45
C MET A 88 7.18 -5.72 9.24
N GLN A 89 6.49 -6.66 8.61
CA GLN A 89 5.42 -7.39 9.26
C GLN A 89 5.93 -8.17 10.48
N LYS A 90 7.16 -8.67 10.40
CA LYS A 90 7.75 -9.39 11.53
C LYS A 90 8.06 -8.49 12.72
N TYR A 91 8.13 -7.18 12.50
CA TYR A 91 8.34 -6.21 13.58
C TYR A 91 7.06 -5.46 13.94
N LYS A 92 5.93 -5.95 13.43
CA LYS A 92 4.62 -5.34 13.61
C LYS A 92 4.31 -4.85 15.03
N LYS A 93 4.61 -5.68 16.02
CA LYS A 93 4.27 -5.35 17.41
C LYS A 93 5.11 -4.21 17.97
N HIS A 94 6.08 -3.75 17.18
CA HIS A 94 6.97 -2.68 17.63
C HIS A 94 6.73 -1.38 16.88
N ILE A 95 5.74 -1.40 15.99
CA ILE A 95 5.42 -0.24 15.16
C ILE A 95 4.26 0.52 15.78
N ASN A 96 4.39 1.83 15.86
CA ASN A 96 3.38 2.62 16.54
C ASN A 96 3.21 4.00 15.87
N GLU A 97 2.49 4.90 16.51
CA GLU A 97 2.20 6.19 15.87
C GLU A 97 3.46 7.00 15.57
N THR A 98 4.55 6.73 16.28
CA THR A 98 5.77 7.50 16.04
C THR A 98 6.41 7.12 14.72
N HIS A 99 5.95 6.01 14.13
CA HIS A 99 6.48 5.57 12.83
C HIS A 99 5.76 6.13 11.61
N ILE A 100 4.79 7.03 11.80
CA ILE A 100 4.09 7.52 10.62
C ILE A 100 5.03 8.22 9.63
N PRO A 101 5.92 9.14 10.08
CA PRO A 101 6.83 9.73 9.10
C PRO A 101 7.71 8.69 8.38
N PHE A 102 8.17 7.67 9.10
CA PHE A 102 8.96 6.61 8.50
C PHE A 102 8.17 5.92 7.39
N LEU A 103 6.89 5.66 7.66
CA LEU A 103 6.05 5.00 6.68
C LEU A 103 5.74 5.93 5.49
N GLU A 104 5.51 7.21 5.77
CA GLU A 104 5.38 8.22 4.71
C GLU A 104 6.56 8.18 3.76
N GLU A 105 7.76 8.12 4.31
CA GLU A 105 8.95 8.15 3.48
C GLU A 105 9.06 6.89 2.63
N LEU A 106 8.57 5.76 3.14
CA LEU A 106 8.53 4.54 2.32
C LEU A 106 7.52 4.72 1.19
N ILE A 107 6.39 5.37 1.47
CA ILE A 107 5.38 5.54 0.44
C ILE A 107 5.90 6.35 -0.74
N VAL A 108 6.69 7.40 -0.47
CA VAL A 108 7.09 8.32 -1.53
C VAL A 108 8.47 8.01 -2.15
N THR A 109 9.06 6.88 -1.76
CA THR A 109 10.30 6.43 -2.39
C THR A 109 10.09 5.06 -3.03
N LYS A 110 10.67 4.84 -4.22
CA LYS A 110 10.44 3.62 -5.01
C LYS A 110 8.93 3.33 -5.10
N SER A 111 8.16 4.36 -5.41
CA SER A 111 6.70 4.31 -5.31
C SER A 111 6.04 3.60 -6.47
N TRP A 112 5.13 2.68 -6.14
CA TRP A 112 4.24 2.08 -7.14
C TRP A 112 3.14 1.38 -6.35
N TRP A 113 2.12 0.86 -7.01
CA TRP A 113 0.97 0.32 -6.29
C TRP A 113 1.35 -0.91 -5.46
N ASP A 114 2.35 -1.67 -5.91
CA ASP A 114 2.70 -2.89 -5.21
C ASP A 114 3.32 -2.64 -3.84
N SER A 115 4.05 -1.54 -3.68
CA SER A 115 4.58 -1.20 -2.37
C SER A 115 3.53 -0.41 -1.57
N VAL A 116 2.94 0.60 -2.20
CA VAL A 116 2.04 1.51 -1.46
C VAL A 116 0.82 0.75 -0.92
N ASP A 117 0.26 -0.17 -1.69
CA ASP A 117 -0.94 -0.88 -1.22
C ASP A 117 -0.62 -1.89 -0.12
N SER A 118 0.66 -2.21 0.06
CA SER A 118 1.09 -3.08 1.17
C SER A 118 1.53 -2.29 2.41
N ILE A 119 1.62 -0.97 2.29
CA ILE A 119 1.93 -0.13 3.42
C ILE A 119 0.68 0.49 4.02
N VAL A 120 -0.24 0.92 3.15
CA VAL A 120 -1.28 1.84 3.59
C VAL A 120 -2.46 1.20 4.37
N PRO A 121 -3.18 0.21 3.79
CA PRO A 121 -4.36 -0.27 4.52
C PRO A 121 -4.02 -1.11 5.74
N THR A 122 -2.79 -1.59 5.81
CA THR A 122 -2.36 -2.45 6.91
C THR A 122 -1.61 -1.65 7.97
N PHE A 123 -0.38 -1.23 7.68
CA PHE A 123 0.43 -0.55 8.68
C PHE A 123 -0.14 0.80 9.08
N LEU A 124 -0.43 1.65 8.11
CA LEU A 124 -1.01 2.94 8.46
C LEU A 124 -2.46 2.80 8.94
N GLY A 125 -3.23 1.92 8.31
CA GLY A 125 -4.59 1.69 8.74
C GLY A 125 -4.65 1.31 10.22
N ASP A 126 -3.75 0.43 10.65
CA ASP A 126 -3.78 -0.01 12.04
C ASP A 126 -3.42 1.14 12.97
N ILE A 127 -2.45 1.95 12.57
CA ILE A 127 -2.02 3.07 13.42
C ILE A 127 -3.15 4.07 13.60
N PHE A 128 -3.82 4.45 12.50
CA PHE A 128 -4.89 5.45 12.60
C PHE A 128 -6.18 4.90 13.22
N LEU A 129 -6.32 3.58 13.27
CA LEU A 129 -7.45 2.96 13.95
C LEU A 129 -7.28 3.14 15.46
N LYS A 130 -6.05 2.98 15.93
CA LYS A 130 -5.73 3.14 17.33
C LYS A 130 -5.62 4.61 17.73
N HIS A 131 -5.18 5.45 16.78
CA HIS A 131 -4.95 6.87 17.06
C HIS A 131 -5.66 7.77 16.05
N PRO A 132 -7.00 7.74 16.05
CA PRO A 132 -7.77 8.51 15.07
C PRO A 132 -7.53 10.01 15.20
N GLU A 133 -7.09 10.45 16.36
CA GLU A 133 -6.87 11.88 16.58
C GLU A 133 -5.67 12.37 15.78
N LEU A 134 -4.86 11.45 15.25
CA LEU A 134 -3.69 11.84 14.46
C LEU A 134 -3.99 11.96 12.98
N ILE A 135 -5.16 11.51 12.55
CA ILE A 135 -5.51 11.56 11.13
C ILE A 135 -5.38 12.98 10.58
N SER A 136 -5.87 13.97 11.32
CA SER A 136 -5.86 15.34 10.82
C SER A 136 -4.48 15.98 10.85
N ALA A 137 -3.49 15.31 11.42
CA ALA A 137 -2.10 15.78 11.37
C ALA A 137 -1.41 15.38 10.06
N TYR A 138 -2.06 14.53 9.27
CA TYR A 138 -1.43 13.98 8.05
C TYR A 138 -2.31 14.04 6.82
N ILE A 139 -3.56 13.64 6.94
CA ILE A 139 -4.40 13.48 5.76
C ILE A 139 -4.57 14.79 4.95
N PRO A 140 -4.77 15.95 5.62
CA PRO A 140 -4.88 17.17 4.80
C PRO A 140 -3.61 17.44 3.97
N LYS A 141 -2.43 17.24 4.54
CA LYS A 141 -1.18 17.42 3.82
C LYS A 141 -1.08 16.45 2.64
N TRP A 142 -1.51 15.21 2.85
CA TRP A 142 -1.37 14.19 1.81
C TRP A 142 -2.24 14.53 0.62
N ILE A 143 -3.47 14.95 0.88
CA ILE A 143 -4.39 15.33 -0.19
C ILE A 143 -3.86 16.54 -0.97
N ALA A 144 -3.23 17.48 -0.28
CA ALA A 144 -2.75 18.72 -0.89
C ALA A 144 -1.43 18.54 -1.64
N SER A 145 -0.75 17.43 -1.36
CA SER A 145 0.57 17.23 -1.95
CA SER A 145 0.56 17.11 -1.93
C SER A 145 0.50 16.97 -3.45
N ASP A 146 1.65 17.09 -4.10
CA ASP A 146 1.74 16.76 -5.52
C ASP A 146 1.91 15.25 -5.74
N ASN A 147 2.05 14.51 -4.65
CA ASN A 147 2.40 13.11 -4.73
C ASN A 147 1.15 12.22 -4.76
N ILE A 148 0.94 11.53 -5.89
CA ILE A 148 -0.28 10.77 -6.04
C ILE A 148 -0.36 9.60 -5.06
N TRP A 149 0.79 9.14 -4.57
CA TRP A 149 0.80 8.00 -3.67
C TRP A 149 0.39 8.42 -2.26
N LEU A 150 0.72 9.65 -1.86
CA LEU A 150 0.16 10.17 -0.60
C LEU A 150 -1.35 10.40 -0.74
N GLN A 151 -1.79 10.88 -1.89
CA GLN A 151 -3.22 11.03 -2.11
C GLN A 151 -3.93 9.67 -2.04
N ARG A 152 -3.34 8.67 -2.67
CA ARG A 152 -3.87 7.30 -2.59
C ARG A 152 -3.86 6.80 -1.14
N ALA A 153 -2.82 7.14 -0.39
CA ALA A 153 -2.76 6.75 1.02
C ALA A 153 -3.94 7.33 1.82
N ALA A 154 -4.29 8.58 1.55
CA ALA A 154 -5.41 9.22 2.24
C ALA A 154 -6.71 8.48 1.94
N ILE A 155 -6.86 8.01 0.71
CA ILE A 155 -8.07 7.29 0.33
C ILE A 155 -8.13 5.90 0.95
N LEU A 156 -7.00 5.19 0.94
CA LEU A 156 -7.06 3.76 1.25
C LEU A 156 -6.71 3.38 2.69
N PHE A 157 -6.33 4.32 3.55
CA PHE A 157 -5.91 3.86 4.88
C PHE A 157 -7.09 3.28 5.65
N GLN A 158 -8.31 3.68 5.31
CA GLN A 158 -9.50 3.12 5.96
C GLN A 158 -10.09 1.88 5.28
N LEU A 159 -9.39 1.33 4.29
CA LEU A 159 -9.93 0.30 3.42
C LEU A 159 -10.59 -0.83 4.19
N LYS A 160 -9.93 -1.28 5.25
CA LYS A 160 -10.36 -2.48 5.96
C LYS A 160 -11.14 -2.19 7.25
N TYR A 161 -11.58 -0.95 7.42
CA TYR A 161 -12.16 -0.54 8.69
C TYR A 161 -13.54 -1.12 8.98
N LYS A 162 -14.26 -1.50 7.91
CA LYS A 162 -15.60 -2.09 8.05
C LYS A 162 -16.49 -1.18 8.92
N GLN A 163 -17.03 -1.70 10.01
CA GLN A 163 -17.96 -0.90 10.81
C GLN A 163 -17.27 0.27 11.54
N LYS A 164 -15.94 0.29 11.53
CA LYS A 164 -15.20 1.38 12.16
C LYS A 164 -14.88 2.49 11.17
N MET A 165 -15.35 2.34 9.93
CA MET A 165 -15.21 3.38 8.91
C MET A 165 -15.75 4.72 9.41
N ASP A 166 -14.96 5.77 9.25
CA ASP A 166 -15.46 7.13 9.45
C ASP A 166 -16.04 7.59 8.13
N GLU A 167 -17.37 7.49 8.00
CA GLU A 167 -18.03 7.77 6.73
C GLU A 167 -17.89 9.22 6.31
N GLU A 168 -18.10 10.14 7.24
CA GLU A 168 -17.97 11.55 6.89
C GLU A 168 -16.58 11.85 6.39
N LEU A 169 -15.57 11.26 7.03
CA LEU A 169 -14.19 11.49 6.60
C LEU A 169 -13.93 10.87 5.24
N LEU A 170 -14.38 9.62 5.07
CA LEU A 170 -14.18 8.93 3.80
C LEU A 170 -14.74 9.75 2.65
N PHE A 171 -15.98 10.21 2.80
CA PHE A 171 -16.62 10.92 1.70
C PHE A 171 -16.02 12.30 1.52
N TRP A 172 -15.53 12.92 2.59
CA TRP A 172 -14.84 14.20 2.45
C TRP A 172 -13.56 14.01 1.63
N ILE A 173 -12.80 12.97 1.96
CA ILE A 173 -11.54 12.68 1.24
C ILE A 173 -11.83 12.44 -0.25
N ILE A 174 -12.84 11.61 -0.53
CA ILE A 174 -13.18 11.31 -1.91
C ILE A 174 -13.63 12.58 -2.64
N GLY A 175 -14.44 13.40 -1.98
CA GLY A 175 -14.84 14.67 -2.58
C GLY A 175 -13.63 15.54 -2.97
N GLN A 176 -12.59 15.54 -2.14
CA GLN A 176 -11.42 16.35 -2.45
C GLN A 176 -10.68 15.86 -3.68
N LEU A 177 -10.81 14.58 -3.97
CA LEU A 177 -9.97 13.94 -4.99
C LEU A 177 -10.78 13.47 -6.21
N HIS A 178 -12.08 13.71 -6.22
CA HIS A 178 -12.94 13.10 -7.23
C HIS A 178 -12.68 13.63 -8.64
N SER A 179 -12.06 14.79 -8.75
CA SER A 179 -11.81 15.39 -10.06
CA SER A 179 -11.81 15.39 -10.06
C SER A 179 -10.46 15.00 -10.63
N SER A 180 -9.67 14.25 -9.85
CA SER A 180 -8.35 13.83 -10.32
C SER A 180 -8.47 13.01 -11.59
N LYS A 181 -7.59 13.30 -12.54
CA LYS A 181 -7.51 12.53 -13.78
C LYS A 181 -6.56 11.34 -13.67
N GLU A 182 -5.93 11.20 -12.52
CA GLU A 182 -4.96 10.13 -12.28
CA GLU A 182 -4.95 10.13 -12.31
C GLU A 182 -5.63 8.79 -12.08
N PHE A 183 -5.28 7.82 -12.91
CA PHE A 183 -5.83 6.49 -12.77
C PHE A 183 -5.70 5.94 -11.36
N PHE A 184 -4.53 6.07 -10.74
CA PHE A 184 -4.35 5.46 -9.42
C PHE A 184 -5.18 6.13 -8.32
N ILE A 185 -5.66 7.34 -8.57
CA ILE A 185 -6.58 8.00 -7.65
C ILE A 185 -8.03 7.56 -7.96
N GLN A 186 -8.41 7.60 -9.23
CA GLN A 186 -9.76 7.16 -9.61
C GLN A 186 -10.03 5.74 -9.17
N LYS A 187 -9.05 4.86 -9.38
CA LYS A 187 -9.20 3.46 -9.03
C LYS A 187 -9.19 3.24 -7.52
N ALA A 188 -8.39 4.00 -6.78
CA ALA A 188 -8.41 3.88 -5.32
C ALA A 188 -9.78 4.26 -4.75
N ILE A 189 -10.39 5.30 -5.32
CA ILE A 189 -11.72 5.72 -4.91
C ILE A 189 -12.72 4.58 -5.18
N GLY A 190 -12.59 3.96 -6.36
CA GLY A 190 -13.44 2.83 -6.70
C GLY A 190 -13.29 1.68 -5.73
N TRP A 191 -12.04 1.35 -5.40
CA TRP A 191 -11.74 0.24 -4.49
C TRP A 191 -12.30 0.46 -3.10
N VAL A 192 -12.03 1.61 -2.50
CA VAL A 192 -12.47 1.84 -1.13
C VAL A 192 -14.00 1.87 -1.05
N LEU A 193 -14.66 2.39 -2.08
CA LEU A 193 -16.13 2.39 -2.09
C LEU A 193 -16.68 0.97 -2.29
N ARG A 194 -16.08 0.22 -3.19
CA ARG A 194 -16.50 -1.16 -3.42
C ARG A 194 -16.35 -1.98 -2.14
N GLU A 195 -15.23 -1.77 -1.45
CA GLU A 195 -14.96 -2.51 -0.24
C GLU A 195 -15.90 -2.09 0.88
N TYR A 196 -16.07 -0.79 1.07
CA TYR A 196 -16.95 -0.34 2.14
C TYR A 196 -18.40 -0.74 1.85
N ALA A 197 -18.75 -0.90 0.58
CA ALA A 197 -20.11 -1.33 0.21
C ALA A 197 -20.43 -2.73 0.72
N LYS A 198 -19.39 -3.51 1.05
CA LYS A 198 -19.60 -4.83 1.63
C LYS A 198 -20.14 -4.73 3.06
N THR A 199 -19.89 -3.58 3.68
CA THR A 199 -20.33 -3.31 5.04
C THR A 199 -21.62 -2.50 5.05
N ASN A 200 -21.65 -1.45 4.24
CA ASN A 200 -22.80 -0.54 4.19
C ASN A 200 -23.16 -0.19 2.74
N PRO A 201 -23.84 -1.12 2.06
CA PRO A 201 -24.14 -0.90 0.64
C PRO A 201 -25.06 0.29 0.40
N ASP A 202 -26.04 0.51 1.28
CA ASP A 202 -26.99 1.61 1.07
C ASP A 202 -26.27 2.96 1.03
N VAL A 203 -25.28 3.17 1.90
CA VAL A 203 -24.61 4.47 1.96
CA VAL A 203 -24.65 4.49 1.93
C VAL A 203 -23.75 4.68 0.72
N VAL A 204 -23.11 3.62 0.24
CA VAL A 204 -22.26 3.75 -0.93
C VAL A 204 -23.11 3.98 -2.17
N TRP A 205 -24.23 3.26 -2.28
CA TRP A 205 -25.14 3.45 -3.39
C TRP A 205 -25.64 4.90 -3.44
N GLU A 206 -26.09 5.41 -2.30
CA GLU A 206 -26.60 6.78 -2.28
C GLU A 206 -25.49 7.75 -2.68
N TYR A 207 -24.27 7.48 -2.21
CA TYR A 207 -23.19 8.43 -2.48
C TYR A 207 -22.90 8.47 -3.97
N VAL A 208 -22.78 7.32 -4.60
CA VAL A 208 -22.39 7.30 -6.00
C VAL A 208 -23.51 7.77 -6.91
N GLN A 209 -24.76 7.65 -6.48
CA GLN A 209 -25.84 8.14 -7.32
C GLN A 209 -25.99 9.66 -7.22
N ASN A 210 -25.49 10.26 -6.15
CA ASN A 210 -25.77 11.67 -5.88
C ASN A 210 -24.57 12.60 -5.76
N ASN A 211 -23.38 12.08 -6.05
CA ASN A 211 -22.15 12.86 -6.05
C ASN A 211 -21.30 12.55 -7.27
N GLU A 212 -20.60 13.58 -7.75
CA GLU A 212 -19.74 13.44 -8.92
C GLU A 212 -18.56 12.50 -8.68
N LEU A 213 -18.33 11.59 -9.61
CA LEU A 213 -17.17 10.70 -9.62
C LEU A 213 -16.72 10.46 -11.05
N ALA A 214 -15.44 10.17 -11.22
CA ALA A 214 -14.96 9.70 -12.51
C ALA A 214 -15.73 8.44 -12.87
N PRO A 215 -16.02 8.26 -14.17
CA PRO A 215 -16.72 7.04 -14.58
C PRO A 215 -16.07 5.75 -14.06
N LEU A 216 -14.74 5.68 -14.10
CA LEU A 216 -14.03 4.49 -13.61
C LEU A 216 -14.32 4.26 -12.12
N SER A 217 -14.32 5.34 -11.35
CA SER A 217 -14.55 5.23 -9.91
C SER A 217 -15.94 4.69 -9.62
N LYS A 218 -16.95 5.23 -10.30
CA LYS A 218 -18.32 4.79 -10.04
C LYS A 218 -18.52 3.35 -10.44
N ARG A 219 -18.02 2.99 -11.62
CA ARG A 219 -18.18 1.63 -12.13
C ARG A 219 -17.53 0.61 -11.19
N GLU A 220 -16.32 0.91 -10.72
CA GLU A 220 -15.66 -0.01 -9.81
C GLU A 220 -16.36 -0.07 -8.46
N ALA A 221 -16.91 1.06 -8.01
CA ALA A 221 -17.60 1.11 -6.74
C ALA A 221 -18.80 0.18 -6.69
N ILE A 222 -19.54 0.11 -7.79
CA ILE A 222 -20.82 -0.59 -7.76
C ILE A 222 -20.76 -1.92 -8.51
N LYS A 223 -19.55 -2.40 -8.80
CA LYS A 223 -19.36 -3.66 -9.53
C LYS A 223 -20.20 -4.82 -8.98
N HIS A 224 -20.30 -4.88 -7.66
CA HIS A 224 -21.10 -5.91 -7.03
C HIS A 224 -22.49 -5.41 -6.62
N ILE A 225 -22.57 -4.26 -5.96
CA ILE A 225 -23.86 -3.89 -5.37
C ILE A 225 -24.90 -3.47 -6.41
N LYS A 226 -24.49 -3.24 -7.66
CA LYS A 226 -25.48 -2.93 -8.68
C LYS A 226 -26.46 -4.10 -8.87
N GLN A 227 -26.05 -5.31 -8.49
CA GLN A 227 -26.95 -6.46 -8.52
C GLN A 227 -28.08 -6.32 -7.51
N ASN A 228 -27.79 -5.66 -6.39
CA ASN A 228 -28.76 -5.51 -5.32
C ASN A 228 -29.82 -4.44 -5.61
N TYR A 229 -29.45 -3.44 -6.41
CA TYR A 229 -30.35 -2.32 -6.66
C TYR A 229 -30.94 -2.32 -8.06
N GLY A 230 -30.20 -2.90 -9.01
CA GLY A 230 -30.68 -2.97 -10.37
C GLY A 230 -30.15 -1.83 -11.21
N ILE A 231 -30.23 -2.01 -12.53
CA ILE A 231 -29.79 -1.03 -13.51
C ILE A 231 -30.98 -0.46 -14.27
N ASN A 232 -31.40 0.75 -13.89
CA ASN A 232 -32.57 1.37 -14.50
C ASN A 232 -32.43 1.56 -16.00
N ASN A 233 -33.53 1.44 -16.74
CA ASN A 233 -33.52 1.74 -18.17
C ASN A 233 -33.26 3.22 -18.41
C1 ORP B 6 -3.59 -4.06 -6.04
O1 ORP B 6 -2.85 -3.61 -4.91
C2 ORP B 6 -3.46 -3.04 -7.20
C3 ORP B 6 -4.92 -2.59 -7.42
O3 ORP B 6 -5.03 -1.16 -7.59
C4 ORP B 6 -5.58 -2.90 -6.06
O4 ORP B 6 -4.98 -4.16 -5.69
C5 ORP B 6 -7.11 -2.94 -6.09
O5 ORP B 6 -7.55 -3.82 -7.13
P ORP B 6 -9.14 -3.98 -7.18
O1P ORP B 6 -9.86 -2.68 -7.15
O2P ORP B 6 -9.43 -4.88 -8.34
N1 54K D . -7.88 -8.28 -10.33
C2 54K D . -7.32 -7.36 -9.56
C3 54K D . -6.01 -7.39 -9.24
C3M 54K D . -5.42 -6.29 -8.38
C4 54K D . -5.22 -8.43 -9.73
C5 54K D . -5.84 -9.41 -10.55
C6 54K D . -7.20 -9.30 -10.82
N6 54K D . -7.83 -10.26 -11.63
N7 54K D . -4.87 -10.29 -10.89
C8 54K D . -3.73 -9.93 -10.35
N9 54K D . -3.91 -8.79 -9.62
#